data_3S62
#
_entry.id   3S62
#
_cell.length_a   134.075
_cell.length_b   177.819
_cell.length_c   74.624
_cell.angle_alpha   90.00
_cell.angle_beta   90.00
_cell.angle_gamma   90.00
#
_symmetry.space_group_name_H-M   'C 2 2 2'
#
loop_
_entity.id
_entity.type
_entity.pdbx_description
1 polymer 'Fab fragment of antibody 2A8, Light chain'
2 polymer 'Fab fragment of antibody 2A8, Heavy chain'
#
loop_
_entity_poly.entity_id
_entity_poly.type
_entity_poly.pdbx_seq_one_letter_code
_entity_poly.pdbx_strand_id
1 'polypeptide(L)'
;QIVLTQSPAIMSASPGEKVTMTCSASSSVSYMHWYQQKSGTSPKRWIYDTSKLASGVPARFSGSGSGTSYSLTISSMEAE
DAATYYCQQWSSNPPTFGGGTKLELKRADAAPTVSIFPPSSEQLTSGGASVVCFLNNFYPKDINVKWKIDGSERQNGVLN
SWTDQDSKDSTYSMSSTLTLTKDEYERHNSYTCEATHKTSTSPIVKSFNRNEV
;
L
2 'polypeptide(L)'
;QVQLQQPGAELVKPGASVKLSCKASGYTFTSYWMHWVKQRPGQGLEWIGMIHPHSGSTNYNEKFKSKATLTVDKSSSTAY
MQLSSLTSEDSAVYYCARGADVAYWGQGTLVTVSAAKTTPPSVYPLAPGSAAQTNSMVTLGCLVKGYFPEPVTVTWNSGS
LSSGVHTFPAVLQSDLYTLSSSVTVPSSTWPSETVTCNVAHPASSTKVDKKIVPRD
;
H
#
# COMPACT_ATOMS: atom_id res chain seq x y z
N GLN A 1 -5.34 -10.86 24.46
CA GLN A 1 -4.40 -11.56 25.40
C GLN A 1 -2.99 -11.76 24.84
N ILE A 2 -2.00 -11.45 25.68
CA ILE A 2 -0.58 -11.30 25.30
C ILE A 2 -0.42 -10.45 24.06
N VAL A 3 -0.08 -9.18 24.23
CA VAL A 3 0.23 -8.34 23.08
C VAL A 3 1.73 -8.35 22.81
N LEU A 4 2.09 -8.51 21.53
CA LEU A 4 3.48 -8.61 21.07
C LEU A 4 3.86 -7.29 20.44
N THR A 5 5.16 -6.99 20.45
CA THR A 5 5.66 -5.71 19.95
C THR A 5 7.04 -5.73 19.29
N GLN A 6 7.09 -5.05 18.14
CA GLN A 6 8.29 -5.00 17.31
C GLN A 6 9.22 -3.90 17.77
N SER A 7 10.52 -4.16 17.72
CA SER A 7 11.51 -3.19 18.20
C SER A 7 11.53 -1.90 17.38
N PRO A 8 12.32 -1.83 16.29
CA PRO A 8 12.15 -0.59 15.53
C PRO A 8 10.98 -0.78 14.59
N ALA A 9 10.03 0.16 14.58
CA ALA A 9 8.87 0.08 13.69
C ALA A 9 9.39 -0.06 12.29
N ILE A 10 10.12 0.97 11.84
CA ILE A 10 10.84 0.93 10.57
C ILE A 10 12.35 0.83 10.81
N MET A 11 13.13 0.59 9.75
CA MET A 11 14.58 0.39 9.85
C MET A 11 15.31 0.46 8.50
N SER A 12 16.17 1.46 8.35
CA SER A 12 17.05 1.55 7.18
C SER A 12 18.37 0.86 7.47
N ALA A 13 18.81 0.04 6.53
CA ALA A 13 20.07 -0.68 6.67
C ALA A 13 20.73 -1.00 5.33
N SER A 14 21.99 -0.59 5.17
CA SER A 14 22.77 -0.88 3.97
C SER A 14 23.15 -2.38 3.92
N PRO A 15 23.53 -2.90 2.74
CA PRO A 15 23.96 -4.30 2.67
C PRO A 15 25.18 -4.55 3.52
N GLY A 16 25.66 -5.79 3.54
CA GLY A 16 26.67 -6.18 4.50
C GLY A 16 26.05 -6.16 5.90
N GLU A 17 26.03 -4.99 6.52
CA GLU A 17 25.76 -4.87 7.95
C GLU A 17 24.80 -5.89 8.55
N LYS A 18 25.17 -6.33 9.73
CA LYS A 18 24.35 -7.15 10.62
C LYS A 18 23.24 -6.29 11.20
N VAL A 19 22.03 -6.84 11.33
CA VAL A 19 20.92 -6.14 11.99
C VAL A 19 20.02 -7.08 12.73
N THR A 20 19.32 -6.51 13.71
CA THR A 20 18.46 -7.29 14.59
C THR A 20 17.26 -6.47 15.06
N MET A 21 16.08 -7.08 15.05
CA MET A 21 14.84 -6.47 15.52
C MET A 21 14.34 -7.33 16.65
N THR A 22 13.21 -6.95 17.24
CA THR A 22 12.74 -7.66 18.41
C THR A 22 11.25 -7.69 18.62
N CYS A 23 10.78 -8.83 19.08
CA CYS A 23 9.47 -8.99 19.64
C CYS A 23 9.64 -9.03 21.16
N SER A 24 8.59 -8.68 21.87
CA SER A 24 8.67 -8.43 23.30
C SER A 24 7.25 -8.37 23.84
N ALA A 25 6.94 -9.32 24.72
CA ALA A 25 5.56 -9.72 24.97
C ALA A 25 4.92 -9.23 26.26
N SER A 26 3.67 -9.63 26.42
CA SER A 26 2.92 -9.43 27.65
C SER A 26 2.99 -10.70 28.50
N SER A 27 3.82 -11.66 28.10
CA SER A 27 3.83 -12.95 28.77
C SER A 27 5.05 -13.81 28.54
N SER A 28 5.20 -14.77 29.45
CA SER A 28 6.05 -15.92 29.24
C SER A 28 5.46 -16.66 28.07
N VAL A 29 6.30 -16.97 27.09
CA VAL A 29 5.83 -17.62 25.90
C VAL A 29 6.80 -18.63 25.36
N SER A 30 6.25 -19.81 25.07
CA SER A 30 6.98 -20.97 24.59
C SER A 30 7.78 -20.66 23.32
N TYR A 31 7.37 -21.25 22.20
CA TYR A 31 7.93 -20.88 20.89
C TYR A 31 7.61 -19.43 20.55
N MET A 32 8.13 -18.97 19.41
CA MET A 32 7.79 -17.65 18.88
C MET A 32 7.98 -17.65 17.39
N HIS A 33 7.16 -16.86 16.70
CA HIS A 33 7.11 -16.95 15.26
C HIS A 33 7.28 -15.63 14.56
N TRP A 34 7.64 -15.72 13.28
CA TRP A 34 7.83 -14.55 12.50
C TRP A 34 7.49 -14.81 11.07
N TYR A 35 6.85 -13.83 10.46
CA TYR A 35 6.52 -13.89 9.06
C TYR A 35 7.02 -12.66 8.33
N GLN A 36 7.14 -12.77 7.02
CA GLN A 36 7.71 -11.71 6.23
C GLN A 36 6.82 -11.33 5.07
N GLN A 37 6.09 -10.25 5.19
CA GLN A 37 5.33 -9.78 4.05
C GLN A 37 6.28 -9.03 3.13
N LYS A 38 5.97 -9.01 1.84
CA LYS A 38 6.58 -8.05 0.92
C LYS A 38 5.43 -7.35 0.21
N SER A 39 5.32 -6.04 0.45
CA SER A 39 4.08 -5.26 0.22
C SER A 39 3.09 -5.78 -0.81
N GLY A 40 1.80 -5.68 -0.46
CA GLY A 40 0.71 -6.13 -1.32
C GLY A 40 0.29 -7.59 -1.21
N THR A 41 1.27 -8.51 -1.21
CA THR A 41 1.01 -9.96 -1.19
C THR A 41 1.24 -10.61 0.17
N SER A 42 0.29 -11.45 0.59
CA SER A 42 0.28 -12.10 1.92
C SER A 42 1.63 -12.60 2.39
N PRO A 43 1.87 -12.56 3.72
CA PRO A 43 3.12 -12.99 4.33
C PRO A 43 3.50 -14.44 4.02
N LYS A 44 4.81 -14.73 4.11
CA LYS A 44 5.32 -16.09 3.98
C LYS A 44 5.71 -16.68 5.34
N ARG A 45 5.43 -17.98 5.48
CA ARG A 45 5.98 -18.85 6.51
C ARG A 45 7.46 -18.55 6.67
N TRP A 46 7.82 -17.77 7.68
CA TRP A 46 9.22 -17.39 7.78
C TRP A 46 9.97 -17.96 8.95
N ILE A 47 9.66 -17.51 10.16
CA ILE A 47 10.32 -18.09 11.31
C ILE A 47 9.37 -18.65 12.33
N TYR A 48 9.66 -19.89 12.73
CA TYR A 48 8.81 -20.62 13.63
C TYR A 48 9.65 -21.32 14.66
N ASP A 49 8.97 -21.84 15.68
CA ASP A 49 9.61 -22.46 16.82
C ASP A 49 10.91 -21.72 17.13
N THR A 50 10.76 -20.43 17.42
CA THR A 50 11.78 -19.62 18.05
C THR A 50 13.11 -19.50 17.30
N SER A 51 13.41 -20.45 16.42
CA SER A 51 14.67 -20.42 15.74
C SER A 51 14.72 -21.43 14.62
N LYS A 52 13.63 -22.15 14.43
CA LYS A 52 13.52 -23.07 13.31
C LYS A 52 13.17 -22.25 12.07
N LEU A 53 13.92 -22.44 10.99
CA LEU A 53 13.68 -21.66 9.79
C LEU A 53 12.93 -22.47 8.74
N ALA A 54 11.95 -21.85 8.09
CA ALA A 54 11.20 -22.51 7.02
C ALA A 54 12.14 -22.71 5.87
N SER A 55 12.06 -23.85 5.19
CA SER A 55 12.95 -24.07 4.03
C SER A 55 12.76 -22.97 2.97
N GLY A 56 13.88 -22.55 2.40
CA GLY A 56 13.85 -21.45 1.44
C GLY A 56 14.18 -20.14 2.12
N VAL A 57 14.27 -20.16 3.45
CA VAL A 57 14.79 -19.02 4.18
C VAL A 57 16.29 -19.05 4.01
N PRO A 58 16.91 -17.92 3.65
CA PRO A 58 18.37 -17.95 3.61
C PRO A 58 18.92 -17.98 5.03
N ALA A 59 20.06 -18.62 5.21
CA ALA A 59 20.59 -18.81 6.56
C ALA A 59 21.07 -17.53 7.26
N ARG A 60 21.09 -16.40 6.54
CA ARG A 60 21.52 -15.10 7.09
C ARG A 60 20.79 -14.78 8.40
N PHE A 61 19.78 -15.59 8.66
CA PHE A 61 18.83 -15.35 9.71
C PHE A 61 19.06 -16.23 10.93
N SER A 62 18.57 -15.76 12.06
CA SER A 62 18.76 -16.43 13.34
C SER A 62 17.73 -16.02 14.42
N GLY A 63 16.99 -17.02 14.89
CA GLY A 63 15.96 -16.77 15.87
C GLY A 63 16.47 -16.85 17.29
N SER A 64 16.72 -15.70 17.87
CA SER A 64 16.88 -15.64 19.32
C SER A 64 15.50 -15.48 19.94
N GLY A 65 15.37 -15.90 21.19
CA GLY A 65 14.07 -15.86 21.82
C GLY A 65 14.03 -16.23 23.28
N SER A 66 14.03 -15.20 24.12
CA SER A 66 14.17 -15.37 25.55
C SER A 66 12.82 -15.25 26.28
N GLY A 67 12.32 -16.39 26.76
CA GLY A 67 11.08 -16.48 27.55
C GLY A 67 9.97 -15.51 27.20
N THR A 68 10.31 -14.22 27.17
CA THR A 68 9.35 -13.12 27.07
C THR A 68 9.79 -11.98 26.14
N SER A 69 11.08 -11.82 25.92
CA SER A 69 11.52 -10.93 24.85
C SER A 69 12.47 -11.63 23.92
N TYR A 70 12.15 -11.52 22.63
CA TYR A 70 12.74 -12.33 21.59
C TYR A 70 13.26 -11.42 20.50
N SER A 71 14.38 -11.82 19.88
CA SER A 71 14.96 -11.04 18.81
C SER A 71 14.81 -11.78 17.48
N LEU A 72 15.01 -11.05 16.40
CA LEU A 72 15.23 -11.67 15.11
C LEU A 72 16.47 -11.05 14.54
N THR A 73 17.43 -11.88 14.15
CA THR A 73 18.73 -11.35 13.71
C THR A 73 19.32 -11.76 12.34
N ILE A 74 19.57 -10.73 11.55
CA ILE A 74 20.16 -10.86 10.26
C ILE A 74 21.63 -10.59 10.38
N SER A 75 22.40 -11.51 9.83
CA SER A 75 23.84 -11.40 9.83
C SER A 75 24.33 -10.36 8.79
N SER A 76 24.59 -10.83 7.57
CA SER A 76 24.87 -9.95 6.44
C SER A 76 23.55 -9.63 5.77
N MET A 77 23.42 -8.41 5.26
CA MET A 77 22.20 -8.02 4.60
C MET A 77 22.27 -8.12 3.07
N GLU A 78 21.22 -8.67 2.45
CA GLU A 78 21.10 -8.62 1.00
C GLU A 78 19.92 -7.75 0.59
N ALA A 79 19.66 -7.70 -0.72
CA ALA A 79 18.58 -6.92 -1.29
C ALA A 79 17.28 -7.61 -1.00
N GLU A 80 17.29 -8.94 -1.18
CA GLU A 80 16.12 -9.76 -0.97
C GLU A 80 15.59 -9.46 0.41
N ASP A 81 16.51 -9.44 1.36
CA ASP A 81 16.17 -9.21 2.76
C ASP A 81 15.31 -7.94 2.95
N ALA A 82 15.20 -7.10 1.91
CA ALA A 82 14.31 -5.93 1.97
C ALA A 82 12.88 -6.41 2.05
N ALA A 83 12.14 -5.96 3.07
CA ALA A 83 10.80 -6.50 3.33
C ALA A 83 10.18 -5.92 4.58
N THR A 84 9.19 -6.62 5.14
CA THR A 84 8.55 -6.27 6.42
C THR A 84 8.02 -7.47 7.27
N TYR A 85 8.25 -7.41 8.58
CA TYR A 85 8.21 -8.60 9.45
C TYR A 85 7.44 -8.45 10.75
N TYR A 86 6.82 -9.56 11.16
CA TYR A 86 5.96 -9.63 12.33
C TYR A 86 6.27 -10.85 13.21
N CYS A 87 5.73 -10.88 14.42
CA CYS A 87 5.89 -12.04 15.33
C CYS A 87 4.56 -12.68 15.79
N GLN A 88 4.42 -14.00 15.64
CA GLN A 88 3.19 -14.72 16.01
C GLN A 88 3.23 -15.16 17.47
N GLN A 89 2.17 -15.82 17.93
CA GLN A 89 2.14 -16.35 19.28
C GLN A 89 1.13 -17.47 19.39
N TRP A 90 1.63 -18.67 19.11
CA TRP A 90 0.83 -19.89 19.18
C TRP A 90 0.04 -19.92 20.47
N SER A 91 0.75 -19.64 21.56
CA SER A 91 0.40 -20.10 22.90
C SER A 91 -0.47 -19.17 23.79
N SER A 92 -1.07 -18.14 23.20
CA SER A 92 -2.22 -17.55 23.88
C SER A 92 -3.49 -18.21 23.38
N ASN A 93 -4.46 -18.32 24.28
CA ASN A 93 -5.78 -18.87 23.95
C ASN A 93 -6.36 -18.21 22.68
N PRO A 94 -6.29 -16.85 22.57
CA PRO A 94 -6.43 -16.20 21.27
C PRO A 94 -5.06 -15.74 20.73
N PRO A 95 -4.57 -16.34 19.63
CA PRO A 95 -3.20 -16.08 19.18
C PRO A 95 -3.02 -14.67 18.62
N THR A 96 -1.96 -13.96 19.02
CA THR A 96 -1.73 -12.54 18.62
C THR A 96 -0.50 -12.34 17.72
N PHE A 97 -0.57 -11.31 16.85
CA PHE A 97 0.46 -10.94 15.88
C PHE A 97 1.16 -9.65 16.24
N GLY A 98 2.50 -9.64 16.08
CA GLY A 98 3.35 -8.52 16.49
C GLY A 98 3.11 -7.20 15.77
N GLY A 99 3.89 -6.19 16.12
CA GLY A 99 3.74 -4.83 15.58
C GLY A 99 3.92 -4.75 14.08
N GLY A 100 5.08 -5.17 13.61
CA GLY A 100 5.44 -5.05 12.20
C GLY A 100 6.66 -4.19 12.07
N THR A 101 7.81 -4.84 11.87
CA THR A 101 9.03 -4.13 11.58
C THR A 101 9.11 -3.99 10.07
N LYS A 102 9.55 -2.82 9.58
CA LYS A 102 9.76 -2.65 8.15
C LYS A 102 11.24 -2.34 7.81
N LEU A 103 11.80 -3.13 6.88
CA LEU A 103 13.18 -2.99 6.37
C LEU A 103 13.32 -2.34 5.00
N GLU A 104 14.47 -1.71 4.80
CA GLU A 104 14.73 -0.93 3.61
C GLU A 104 16.21 -0.68 3.56
N LEU A 105 16.71 -0.45 2.36
CA LEU A 105 18.13 -0.28 2.17
C LEU A 105 18.57 1.17 2.43
N LYS A 106 19.65 1.34 3.19
CA LYS A 106 20.35 2.62 3.28
C LYS A 106 20.94 2.84 1.89
N ARG A 107 20.65 4.00 1.32
CA ARG A 107 21.19 4.39 0.03
C ARG A 107 21.93 5.71 0.18
N ALA A 108 22.71 6.07 -0.84
CA ALA A 108 23.34 7.39 -0.89
C ALA A 108 22.28 8.49 -0.91
N ASP A 109 22.18 9.25 0.19
CA ASP A 109 21.27 10.39 0.30
C ASP A 109 21.03 11.00 -1.06
N ALA A 110 19.81 10.92 -1.57
CA ALA A 110 19.53 11.59 -2.85
C ALA A 110 18.38 12.58 -2.72
N ALA A 111 18.57 13.73 -3.34
CA ALA A 111 17.58 14.79 -3.33
C ALA A 111 16.42 14.46 -4.26
N PRO A 112 15.36 15.25 -4.18
CA PRO A 112 14.18 14.94 -4.96
C PRO A 112 13.87 15.98 -6.01
N THR A 113 13.49 15.56 -7.22
CA THR A 113 13.03 16.49 -8.26
C THR A 113 11.53 16.68 -8.15
N VAL A 114 11.16 17.95 -8.09
CA VAL A 114 9.89 18.37 -7.58
C VAL A 114 9.07 19.13 -8.61
N SER A 115 8.14 18.40 -9.22
CA SER A 115 7.37 18.90 -10.35
C SER A 115 5.95 19.29 -9.90
N ILE A 116 5.50 20.45 -10.35
CA ILE A 116 4.23 21.02 -9.91
C ILE A 116 3.43 21.40 -11.15
N PHE A 117 2.13 21.13 -11.16
CA PHE A 117 1.38 21.14 -12.41
C PHE A 117 -0.03 21.73 -12.33
N PRO A 118 -0.15 23.07 -12.25
CA PRO A 118 -1.40 23.79 -12.29
C PRO A 118 -2.54 23.08 -13.02
N PRO A 119 -3.78 23.43 -12.66
CA PRO A 119 -4.98 22.69 -13.00
C PRO A 119 -5.28 22.66 -14.47
N SER A 120 -5.70 21.50 -14.95
CA SER A 120 -5.89 21.29 -16.38
C SER A 120 -7.09 22.08 -16.95
N SER A 121 -7.15 22.15 -18.28
CA SER A 121 -8.28 22.73 -19.03
C SER A 121 -9.61 22.24 -18.45
N GLU A 122 -9.81 20.92 -18.50
CA GLU A 122 -11.09 20.31 -18.17
C GLU A 122 -11.54 20.63 -16.75
N GLN A 123 -10.63 20.52 -15.79
CA GLN A 123 -10.99 20.69 -14.38
C GLN A 123 -11.77 21.97 -14.10
N LEU A 124 -11.56 22.96 -14.96
CA LEU A 124 -12.16 24.27 -14.77
C LEU A 124 -13.61 24.30 -15.23
N THR A 125 -13.90 23.51 -16.26
CA THR A 125 -15.28 23.19 -16.62
C THR A 125 -15.92 22.31 -15.52
N SER A 126 -15.19 22.12 -14.42
CA SER A 126 -15.65 21.33 -13.27
C SER A 126 -15.40 21.95 -11.89
N GLY A 127 -14.85 23.17 -11.87
CA GLY A 127 -14.75 24.00 -10.66
C GLY A 127 -13.79 23.55 -9.58
N GLY A 128 -14.17 22.48 -8.86
CA GLY A 128 -13.29 21.80 -7.91
C GLY A 128 -11.98 21.49 -8.58
N ALA A 129 -11.03 22.43 -8.44
CA ALA A 129 -9.77 22.43 -9.18
C ALA A 129 -8.56 22.09 -8.32
N SER A 130 -7.56 21.45 -8.93
CA SER A 130 -6.51 20.75 -8.19
C SER A 130 -5.08 20.85 -8.74
N VAL A 131 -4.09 20.77 -7.83
CA VAL A 131 -2.66 20.96 -8.15
C VAL A 131 -1.68 20.00 -7.42
N VAL A 132 -0.78 19.42 -8.21
CA VAL A 132 0.08 18.30 -7.82
C VAL A 132 1.55 18.64 -7.60
N CYS A 133 2.13 18.22 -6.48
CA CYS A 133 3.57 18.15 -6.40
C CYS A 133 4.01 16.72 -6.61
N PHE A 134 5.10 16.56 -7.34
CA PHE A 134 5.58 15.27 -7.78
C PHE A 134 7.05 15.16 -7.43
N LEU A 135 7.31 14.57 -6.27
CA LEU A 135 8.62 14.61 -5.70
C LEU A 135 9.22 13.23 -5.83
N ASN A 136 10.22 13.08 -6.70
CA ASN A 136 10.67 11.76 -7.12
C ASN A 136 12.05 11.31 -6.78
N ASN A 137 12.18 9.99 -6.72
CA ASN A 137 13.44 9.32 -6.50
C ASN A 137 14.32 10.16 -5.61
N PHE A 138 14.13 9.95 -4.30
CA PHE A 138 14.88 10.64 -3.26
C PHE A 138 15.03 9.73 -2.06
N TYR A 139 16.00 10.03 -1.23
CA TYR A 139 16.31 9.23 -0.04
C TYR A 139 17.21 10.06 0.85
N PRO A 140 17.09 9.91 2.17
CA PRO A 140 16.21 8.98 2.87
C PRO A 140 14.76 9.45 3.00
N LYS A 141 13.98 8.71 3.79
CA LYS A 141 12.52 8.84 3.94
C LYS A 141 12.01 10.18 4.48
N ASP A 142 12.68 10.71 5.51
CA ASP A 142 12.36 12.02 6.10
C ASP A 142 11.94 13.00 5.01
N ILE A 143 10.77 13.63 5.16
CA ILE A 143 10.35 14.65 4.20
C ILE A 143 9.25 15.58 4.69
N ASN A 144 9.63 16.75 5.19
CA ASN A 144 8.65 17.76 5.54
C ASN A 144 8.07 18.43 4.30
N VAL A 145 7.25 17.65 3.59
CA VAL A 145 6.41 18.17 2.54
C VAL A 145 5.41 19.11 3.21
N LYS A 146 5.23 20.27 2.60
CA LYS A 146 4.28 21.29 3.02
C LYS A 146 3.98 22.16 1.78
N TRP A 147 2.79 22.74 1.71
CA TRP A 147 2.51 23.75 0.68
C TRP A 147 2.46 25.11 1.37
N LYS A 148 2.07 26.16 0.62
CA LYS A 148 2.01 27.53 1.14
C LYS A 148 1.24 28.50 0.24
N ILE A 149 -0.09 28.41 0.21
CA ILE A 149 -0.84 29.38 -0.59
C ILE A 149 -0.65 30.77 0.01
N ASP A 150 -0.10 31.66 -0.81
CA ASP A 150 0.21 33.01 -0.39
C ASP A 150 0.99 32.96 0.90
N GLY A 151 2.01 32.11 0.92
CA GLY A 151 2.92 31.97 2.06
C GLY A 151 2.26 31.44 3.31
N SER A 152 0.92 31.32 3.25
CA SER A 152 0.14 30.74 4.33
C SER A 152 0.26 29.22 4.30
N GLU A 153 0.79 28.65 5.39
CA GLU A 153 1.20 27.22 5.45
C GLU A 153 0.05 26.22 5.51
N ARG A 154 -0.72 26.09 4.42
CA ARG A 154 -2.03 25.39 4.39
C ARG A 154 -2.08 23.98 5.00
N GLN A 155 -2.91 23.82 6.04
CA GLN A 155 -3.01 22.58 6.82
C GLN A 155 -3.79 21.49 6.09
N ASN A 156 -5.00 21.82 5.64
CA ASN A 156 -5.97 20.82 5.19
C ASN A 156 -6.05 20.73 3.69
N GLY A 157 -6.90 19.82 3.21
CA GLY A 157 -7.23 19.70 1.77
C GLY A 157 -6.27 18.88 0.91
N VAL A 158 -5.25 18.32 1.56
CA VAL A 158 -4.06 17.73 0.95
C VAL A 158 -4.22 16.22 0.76
N LEU A 159 -3.77 15.67 -0.36
CA LEU A 159 -3.84 14.21 -0.53
C LEU A 159 -2.53 13.53 -0.94
N ASN A 160 -1.85 12.92 0.01
CA ASN A 160 -0.53 12.32 -0.21
C ASN A 160 -0.58 10.85 -0.56
N SER A 161 0.38 10.42 -1.37
CA SER A 161 0.46 9.03 -1.77
C SER A 161 1.94 8.78 -1.88
N TRP A 162 2.37 7.54 -1.67
CA TRP A 162 3.79 7.28 -1.72
C TRP A 162 4.15 5.85 -2.00
N THR A 163 4.83 5.66 -3.13
CA THR A 163 5.38 4.38 -3.51
C THR A 163 6.55 4.11 -2.60
N ASP A 164 6.97 2.85 -2.50
CA ASP A 164 8.20 2.55 -1.77
C ASP A 164 9.27 1.79 -2.56
N GLN A 165 10.52 2.06 -2.19
CA GLN A 165 11.73 1.38 -2.65
C GLN A 165 11.87 1.04 -4.14
N ASP A 166 11.44 1.95 -5.01
CA ASP A 166 11.51 1.78 -6.45
C ASP A 166 12.47 0.64 -6.68
N SER A 167 11.92 -0.56 -6.88
CA SER A 167 12.69 -1.79 -7.11
C SER A 167 13.95 -1.58 -7.96
N LYS A 168 13.80 -0.75 -8.99
CA LYS A 168 14.89 -0.36 -9.87
C LYS A 168 15.65 0.82 -9.24
N ASP A 169 14.95 1.95 -9.13
CA ASP A 169 15.53 3.23 -8.70
C ASP A 169 15.97 3.19 -7.21
N SER A 170 15.45 2.22 -6.45
CA SER A 170 15.77 1.94 -5.03
C SER A 170 15.45 3.07 -4.03
N THR A 171 14.49 3.89 -4.43
CA THR A 171 14.15 5.07 -3.69
C THR A 171 12.68 5.36 -3.86
N TYR A 172 12.22 6.41 -3.19
CA TYR A 172 10.80 6.71 -3.12
C TYR A 172 10.37 7.86 -4.02
N SER A 173 9.05 8.09 -4.03
CA SER A 173 8.39 9.14 -4.80
C SER A 173 6.97 9.34 -4.25
N MET A 174 6.51 10.60 -4.16
CA MET A 174 5.30 10.92 -3.40
C MET A 174 4.40 12.04 -3.96
N SER A 175 3.40 11.68 -4.77
CA SER A 175 2.53 12.67 -5.40
C SER A 175 1.45 13.18 -4.46
N SER A 176 1.66 14.36 -3.90
CA SER A 176 0.64 15.02 -3.08
C SER A 176 -0.17 15.92 -3.97
N THR A 177 -1.39 16.28 -3.54
CA THR A 177 -2.29 17.12 -4.37
C THR A 177 -2.74 18.42 -3.65
N LEU A 178 -3.97 18.88 -3.90
CA LEU A 178 -4.51 20.12 -3.29
C LEU A 178 -5.75 20.57 -4.07
N THR A 179 -6.77 21.08 -3.39
CA THR A 179 -8.05 21.36 -4.07
C THR A 179 -8.92 22.51 -3.50
N LEU A 180 -9.72 23.15 -4.38
CA LEU A 180 -10.93 23.96 -4.01
C LEU A 180 -11.93 24.06 -5.19
N THR A 181 -12.52 25.25 -5.37
CA THR A 181 -13.32 25.58 -6.56
C THR A 181 -12.45 26.46 -7.44
N LYS A 182 -13.02 26.82 -8.60
CA LYS A 182 -12.78 28.10 -9.18
C LYS A 182 -12.50 29.02 -7.99
N ASP A 183 -13.57 29.30 -7.25
CA ASP A 183 -13.59 30.16 -6.08
C ASP A 183 -12.66 29.74 -4.95
N GLU A 184 -12.43 30.70 -4.04
CA GLU A 184 -11.46 30.62 -2.94
C GLU A 184 -10.11 30.03 -3.32
N TYR A 185 -9.91 29.98 -4.62
CA TYR A 185 -8.62 29.76 -5.23
C TYR A 185 -8.28 30.97 -6.11
N GLU A 186 -9.27 31.44 -6.89
CA GLU A 186 -9.21 32.76 -7.48
C GLU A 186 -8.71 33.54 -6.32
N ARG A 187 -9.30 33.26 -5.16
CA ARG A 187 -8.91 33.75 -3.85
C ARG A 187 -7.41 34.03 -3.64
N HIS A 188 -6.69 33.09 -3.03
CA HIS A 188 -5.30 33.33 -2.65
C HIS A 188 -4.44 33.32 -3.93
N ASN A 189 -3.28 33.97 -3.89
CA ASN A 189 -2.24 33.85 -4.94
C ASN A 189 -1.03 33.03 -4.43
N SER A 190 0.13 33.19 -5.06
CA SER A 190 1.38 32.49 -4.69
C SER A 190 1.11 31.03 -4.30
N TYR A 191 0.67 30.29 -5.30
CA TYR A 191 0.15 28.96 -5.17
C TYR A 191 1.32 27.98 -5.27
N THR A 192 2.09 27.86 -4.19
CA THR A 192 3.39 27.18 -4.21
C THR A 192 3.55 26.06 -3.20
N CYS A 193 4.52 25.16 -3.41
CA CYS A 193 4.78 24.01 -2.49
C CYS A 193 6.26 23.69 -2.21
N GLU A 194 6.58 23.32 -0.97
CA GLU A 194 7.96 23.12 -0.52
C GLU A 194 8.07 21.84 0.27
N ALA A 195 9.14 21.08 0.05
CA ALA A 195 9.43 19.95 0.93
C ALA A 195 10.73 20.23 1.67
N THR A 196 11.03 19.45 2.70
CA THR A 196 12.34 19.54 3.37
C THR A 196 13.00 18.15 3.55
N HIS A 197 14.19 18.00 2.97
CA HIS A 197 14.90 16.71 2.99
C HIS A 197 15.97 16.65 4.08
N LYS A 198 16.49 15.44 4.32
CA LYS A 198 17.63 15.25 5.22
C LYS A 198 18.84 16.00 4.66
N THR A 199 19.18 15.74 3.40
CA THR A 199 20.25 16.50 2.72
C THR A 199 19.67 17.65 1.90
N SER A 200 20.05 18.86 2.36
CA SER A 200 19.46 20.14 2.00
C SER A 200 18.44 20.59 3.09
N THR A 201 18.89 20.57 4.35
CA THR A 201 18.22 21.28 5.48
C THR A 201 18.31 22.78 5.19
N SER A 202 18.77 23.06 3.97
CA SER A 202 18.60 24.31 3.27
C SER A 202 17.51 24.04 2.21
N PRO A 203 16.24 24.43 2.50
CA PRO A 203 15.00 23.94 1.86
C PRO A 203 14.83 24.31 0.39
N ILE A 204 14.36 23.33 -0.40
CA ILE A 204 14.17 23.47 -1.87
C ILE A 204 12.72 23.21 -2.33
N VAL A 205 12.29 24.01 -3.30
CA VAL A 205 10.88 24.23 -3.56
C VAL A 205 10.63 24.66 -4.99
N LYS A 206 9.46 24.32 -5.54
CA LYS A 206 9.03 24.86 -6.85
C LYS A 206 7.73 25.67 -6.70
N SER A 207 7.76 26.92 -7.14
CA SER A 207 6.68 27.88 -6.89
C SER A 207 5.83 28.25 -8.11
N PHE A 208 4.85 29.12 -7.90
CA PHE A 208 3.84 29.45 -8.91
C PHE A 208 3.02 30.71 -8.56
N ASN A 209 2.75 31.55 -9.56
CA ASN A 209 2.03 32.80 -9.34
C ASN A 209 1.05 33.15 -10.43
N ARG A 210 1.14 32.41 -11.54
CA ARG A 210 0.55 32.81 -12.82
C ARG A 210 -0.60 33.80 -12.69
N ASN A 211 -0.37 34.99 -13.26
CA ASN A 211 -1.35 36.05 -13.37
C ASN A 211 -1.66 36.67 -12.01
N VAL B 2 -2.35 -28.88 -1.71
CA VAL B 2 -2.12 -27.70 -2.58
C VAL B 2 -2.33 -26.36 -1.85
N GLN B 3 -1.48 -25.38 -2.17
CA GLN B 3 -1.58 -23.99 -1.66
C GLN B 3 -2.97 -23.37 -1.83
N LEU B 4 -3.42 -22.61 -0.83
CA LEU B 4 -4.82 -22.20 -0.72
C LEU B 4 -5.36 -21.32 -1.84
N GLN B 5 -6.68 -21.36 -2.00
CA GLN B 5 -7.38 -20.56 -3.01
C GLN B 5 -8.57 -19.82 -2.43
N GLN B 6 -8.67 -18.56 -2.82
CA GLN B 6 -9.82 -17.73 -2.50
C GLN B 6 -10.04 -16.79 -3.69
N PRO B 7 -11.28 -16.33 -3.89
CA PRO B 7 -11.74 -15.76 -5.16
C PRO B 7 -11.19 -14.35 -5.44
N GLY B 8 -11.68 -13.72 -6.51
CA GLY B 8 -11.19 -12.41 -6.98
C GLY B 8 -11.06 -11.30 -5.94
N ALA B 9 -11.78 -10.21 -6.14
CA ALA B 9 -11.81 -9.16 -5.14
C ALA B 9 -13.26 -9.00 -4.71
N GLU B 10 -13.51 -8.35 -3.56
CA GLU B 10 -14.90 -8.14 -3.12
C GLU B 10 -15.29 -6.78 -2.51
N LEU B 11 -16.53 -6.38 -2.81
CA LEU B 11 -17.01 -5.01 -2.64
C LEU B 11 -18.34 -4.94 -1.92
N VAL B 12 -18.51 -3.98 -1.01
CA VAL B 12 -19.75 -3.92 -0.26
C VAL B 12 -20.41 -2.58 -0.01
N LYS B 13 -21.73 -2.68 0.17
CA LYS B 13 -22.56 -1.63 0.70
C LYS B 13 -22.61 -1.84 2.21
N PRO B 14 -22.42 -0.78 2.99
CA PRO B 14 -22.35 -0.87 4.45
C PRO B 14 -23.67 -1.30 5.09
N GLY B 15 -23.56 -2.00 6.22
CA GLY B 15 -24.72 -2.59 6.92
C GLY B 15 -25.28 -3.82 6.24
N ALA B 16 -24.43 -4.53 5.49
CA ALA B 16 -24.85 -5.69 4.73
C ALA B 16 -23.95 -6.88 5.06
N SER B 17 -24.24 -8.02 4.43
CA SER B 17 -23.53 -9.28 4.70
C SER B 17 -22.66 -9.71 3.51
N VAL B 18 -21.95 -10.85 3.64
CA VAL B 18 -21.14 -11.43 2.52
C VAL B 18 -20.47 -12.82 2.73
N LYS B 19 -20.51 -13.65 1.68
CA LYS B 19 -20.04 -15.04 1.66
C LYS B 19 -18.65 -15.13 0.99
N LEU B 20 -17.60 -15.43 1.76
CA LEU B 20 -16.24 -15.50 1.23
C LEU B 20 -15.67 -16.89 1.27
N SER B 21 -15.13 -17.32 0.14
CA SER B 21 -14.75 -18.71 0.00
C SER B 21 -13.33 -18.98 0.46
N CYS B 22 -12.97 -20.26 0.37
CA CYS B 22 -11.65 -20.76 0.63
C CYS B 22 -11.74 -22.24 0.27
N LYS B 23 -11.24 -22.59 -0.90
CA LYS B 23 -11.29 -23.97 -1.39
C LYS B 23 -9.99 -24.72 -1.12
N ALA B 24 -10.08 -26.03 -1.01
CA ALA B 24 -8.90 -26.89 -0.87
C ALA B 24 -9.06 -28.23 -1.60
N SER B 25 -8.06 -29.10 -1.44
CA SER B 25 -8.00 -30.41 -2.13
C SER B 25 -9.12 -31.39 -1.74
N GLY B 26 -9.51 -32.25 -2.70
CA GLY B 26 -10.49 -33.34 -2.47
C GLY B 26 -10.07 -34.36 -1.41
N TYR B 27 -8.89 -34.11 -0.83
CA TYR B 27 -8.34 -34.71 0.42
C TYR B 27 -7.59 -33.67 1.27
N THR B 28 -6.83 -34.12 2.28
CA THR B 28 -6.24 -33.24 3.32
C THR B 28 -7.22 -32.23 3.92
N PHE B 29 -8.48 -32.35 3.53
CA PHE B 29 -9.41 -31.28 3.76
C PHE B 29 -9.92 -31.26 5.18
N THR B 30 -10.67 -32.28 5.58
CA THR B 30 -11.39 -32.22 6.87
C THR B 30 -10.49 -32.44 8.09
N SER B 31 -9.17 -32.46 7.85
CA SER B 31 -8.16 -32.74 8.88
C SER B 31 -7.44 -31.51 9.45
N TYR B 32 -7.55 -30.38 8.75
CA TYR B 32 -6.69 -29.24 9.04
C TYR B 32 -7.26 -27.94 9.57
N TRP B 33 -6.80 -27.59 10.76
CA TRP B 33 -7.24 -26.40 11.47
C TRP B 33 -7.07 -25.13 10.64
N MET B 34 -8.20 -24.52 10.29
CA MET B 34 -8.25 -23.36 9.38
C MET B 34 -8.61 -22.06 10.09
N HIS B 35 -7.80 -21.03 9.87
CA HIS B 35 -8.03 -19.75 10.50
C HIS B 35 -8.39 -18.72 9.46
N TRP B 36 -8.69 -17.51 9.94
CA TRP B 36 -8.90 -16.37 9.09
C TRP B 36 -8.22 -15.17 9.69
N VAL B 37 -7.69 -14.29 8.86
CA VAL B 37 -6.99 -13.13 9.37
C VAL B 37 -7.35 -11.83 8.68
N LYS B 38 -7.56 -10.81 9.52
CA LYS B 38 -7.81 -9.45 9.08
C LYS B 38 -6.50 -8.72 8.92
N GLN B 39 -6.39 -8.02 7.80
CA GLN B 39 -5.41 -6.98 7.57
C GLN B 39 -6.11 -5.88 6.82
N ARG B 40 -6.12 -4.68 7.42
CA ARG B 40 -6.68 -3.46 6.82
C ARG B 40 -5.57 -2.53 6.25
N PRO B 41 -5.48 -2.39 4.91
CA PRO B 41 -4.28 -1.82 4.33
C PRO B 41 -3.51 -0.99 5.36
N GLY B 42 -2.24 -1.33 5.54
CA GLY B 42 -1.41 -0.64 6.52
C GLY B 42 -1.77 -0.99 7.95
N GLN B 43 -2.55 -2.05 8.11
CA GLN B 43 -2.80 -2.63 9.44
C GLN B 43 -1.85 -3.77 9.72
N GLY B 44 -1.66 -4.03 11.02
CA GLY B 44 -0.99 -5.24 11.47
C GLY B 44 -1.92 -6.41 11.26
N LEU B 45 -1.90 -7.35 12.20
CA LEU B 45 -2.68 -8.56 11.99
C LEU B 45 -3.57 -8.98 13.13
N GLU B 46 -4.81 -9.27 12.73
CA GLU B 46 -5.90 -9.60 13.65
C GLU B 46 -6.33 -11.04 13.42
N TRP B 47 -6.15 -11.87 14.44
CA TRP B 47 -6.67 -13.22 14.34
C TRP B 47 -8.15 -13.19 14.66
N ILE B 48 -8.94 -13.56 13.66
CA ILE B 48 -10.33 -13.88 13.89
C ILE B 48 -10.32 -15.34 14.25
N GLY B 49 -11.49 -15.88 14.54
CA GLY B 49 -11.62 -17.28 14.91
C GLY B 49 -11.06 -18.33 13.98
N MET B 50 -11.21 -19.59 14.39
CA MET B 50 -10.79 -20.73 13.61
C MET B 50 -11.93 -21.71 13.50
N ILE B 51 -11.77 -22.73 12.68
CA ILE B 51 -12.83 -23.68 12.54
C ILE B 51 -12.26 -25.00 12.09
N HIS B 52 -12.83 -26.08 12.60
CA HIS B 52 -12.35 -27.38 12.20
C HIS B 52 -13.32 -28.01 11.22
N PRO B 53 -12.79 -28.69 10.20
CA PRO B 53 -13.59 -29.30 9.14
C PRO B 53 -14.19 -30.69 9.44
N HIS B 54 -13.51 -31.52 10.23
CA HIS B 54 -14.14 -32.75 10.68
C HIS B 54 -15.38 -32.37 11.46
N SER B 55 -15.18 -32.02 12.73
CA SER B 55 -16.26 -31.65 13.61
C SER B 55 -17.05 -30.55 12.98
N GLY B 56 -16.36 -29.46 12.64
CA GLY B 56 -17.01 -28.25 12.23
C GLY B 56 -17.14 -27.33 13.43
N SER B 57 -16.18 -27.45 14.34
CA SER B 57 -16.21 -26.63 15.54
C SER B 57 -15.60 -25.26 15.26
N THR B 58 -16.35 -24.23 15.59
CA THR B 58 -15.91 -22.85 15.38
C THR B 58 -15.35 -22.32 16.67
N ASN B 59 -14.52 -21.29 16.57
CA ASN B 59 -13.97 -20.61 17.73
C ASN B 59 -13.57 -19.15 17.45
N TYR B 60 -14.56 -18.27 17.43
CA TYR B 60 -14.35 -16.85 17.14
C TYR B 60 -13.54 -16.16 18.24
N ASN B 61 -12.78 -15.16 17.84
CA ASN B 61 -12.10 -14.31 18.79
C ASN B 61 -13.07 -13.30 19.32
N GLU B 62 -13.03 -13.11 20.64
CA GLU B 62 -14.05 -12.35 21.36
C GLU B 62 -14.58 -11.17 20.56
N LYS B 63 -13.68 -10.32 20.12
CA LYS B 63 -14.06 -9.01 19.65
C LYS B 63 -14.55 -9.03 18.21
N PHE B 64 -15.12 -10.18 17.84
CA PHE B 64 -15.71 -10.38 16.52
C PHE B 64 -16.92 -11.28 16.62
N LYS B 65 -17.04 -11.97 17.76
CA LYS B 65 -18.05 -13.03 17.95
C LYS B 65 -19.36 -12.68 17.24
N SER B 66 -19.80 -11.45 17.41
CA SER B 66 -21.03 -10.97 16.77
C SER B 66 -20.88 -10.91 15.26
N LYS B 67 -20.06 -9.95 14.83
CA LYS B 67 -19.91 -9.53 13.44
C LYS B 67 -19.65 -10.74 12.50
N ALA B 68 -18.75 -11.63 12.92
CA ALA B 68 -18.27 -12.76 12.11
C ALA B 68 -18.92 -14.10 12.44
N THR B 69 -18.95 -15.00 11.46
CA THR B 69 -19.24 -16.43 11.70
C THR B 69 -18.57 -17.33 10.67
N LEU B 70 -18.22 -18.52 11.12
CA LEU B 70 -17.48 -19.44 10.32
C LEU B 70 -18.30 -20.67 10.03
N THR B 71 -18.05 -21.31 8.88
CA THR B 71 -18.66 -22.62 8.58
C THR B 71 -17.92 -23.36 7.50
N VAL B 72 -18.37 -24.58 7.18
CA VAL B 72 -17.72 -25.40 6.17
C VAL B 72 -18.67 -26.26 5.40
N ASP B 73 -18.21 -26.73 4.23
CA ASP B 73 -18.94 -27.71 3.44
C ASP B 73 -18.09 -28.95 3.20
N LYS B 74 -18.26 -29.94 4.08
CA LYS B 74 -17.50 -31.22 4.01
C LYS B 74 -17.39 -31.74 2.57
N SER B 75 -18.41 -31.45 1.76
CA SER B 75 -18.49 -31.93 0.40
C SER B 75 -17.56 -31.16 -0.52
N SER B 76 -17.85 -29.89 -0.71
CA SER B 76 -17.25 -29.10 -1.78
C SER B 76 -15.75 -28.83 -1.59
N SER B 77 -15.19 -29.39 -0.53
CA SER B 77 -13.80 -29.13 -0.18
C SER B 77 -13.54 -27.63 -0.16
N THR B 78 -14.33 -26.95 0.67
CA THR B 78 -14.36 -25.50 0.76
C THR B 78 -14.80 -25.12 2.17
N ALA B 79 -14.29 -23.99 2.64
CA ALA B 79 -14.65 -23.48 3.96
C ALA B 79 -14.98 -22.00 3.90
N TYR B 80 -16.28 -21.70 3.96
CA TYR B 80 -16.78 -20.36 3.79
C TYR B 80 -16.87 -19.67 5.13
N MET B 81 -15.98 -18.70 5.37
CA MET B 81 -16.19 -17.79 6.47
C MET B 81 -17.03 -16.68 5.87
N GLN B 82 -17.71 -15.93 6.72
CA GLN B 82 -18.60 -14.91 6.22
C GLN B 82 -18.74 -13.78 7.23
N LEU B 83 -19.17 -12.61 6.74
CA LEU B 83 -19.38 -11.46 7.61
C LEU B 83 -20.52 -10.54 7.20
N SER B 84 -21.27 -10.05 8.20
CA SER B 84 -22.45 -9.19 8.00
C SER B 84 -22.43 -7.88 8.78
N SER B 85 -23.08 -6.87 8.19
CA SER B 85 -23.16 -5.50 8.71
C SER B 85 -21.80 -4.89 9.02
N LEU B 86 -21.25 -4.25 8.00
CA LEU B 86 -19.85 -3.83 7.92
C LEU B 86 -19.61 -2.32 7.63
N THR B 87 -18.40 -1.83 7.89
CA THR B 87 -18.09 -0.39 7.83
C THR B 87 -16.95 -0.07 6.83
N SER B 88 -16.93 1.14 6.24
CA SER B 88 -15.77 1.61 5.44
C SER B 88 -14.49 1.21 6.18
N GLU B 89 -14.69 0.79 7.44
CA GLU B 89 -13.66 0.42 8.41
C GLU B 89 -13.46 -1.09 8.51
N ASP B 90 -14.53 -1.86 8.38
CA ASP B 90 -14.39 -3.29 8.19
C ASP B 90 -13.61 -3.56 6.90
N SER B 91 -13.52 -2.54 6.04
CA SER B 91 -12.93 -2.65 4.69
C SER B 91 -11.45 -3.06 4.74
N ALA B 92 -11.16 -4.29 4.33
CA ALA B 92 -9.84 -4.88 4.52
C ALA B 92 -9.58 -6.13 3.67
N VAL B 93 -8.43 -6.76 3.90
CA VAL B 93 -8.06 -8.00 3.22
C VAL B 93 -7.98 -9.19 4.17
N TYR B 94 -8.56 -10.31 3.75
CA TYR B 94 -8.70 -11.47 4.63
C TYR B 94 -8.18 -12.73 3.98
N TYR B 95 -7.52 -13.57 4.77
CA TYR B 95 -7.01 -14.84 4.26
C TYR B 95 -7.24 -15.95 5.24
N CYS B 96 -7.54 -17.14 4.73
CA CYS B 96 -7.57 -18.35 5.54
C CYS B 96 -6.20 -19.00 5.42
N ALA B 97 -5.87 -19.92 6.34
CA ALA B 97 -4.61 -20.71 6.29
C ALA B 97 -4.61 -21.97 7.18
N ARG B 98 -3.59 -22.84 7.02
CA ARG B 98 -3.45 -24.10 7.81
C ARG B 98 -2.08 -24.23 8.54
N GLY B 99 -1.75 -25.43 9.06
CA GLY B 99 -0.35 -25.80 9.40
C GLY B 99 0.12 -25.90 10.85
N ALA B 100 0.81 -26.99 11.19
CA ALA B 100 1.16 -27.29 12.60
C ALA B 100 2.07 -26.22 13.25
N ASP B 101 3.37 -26.35 13.00
CA ASP B 101 4.35 -25.30 13.26
C ASP B 101 4.36 -24.37 12.05
N VAL B 102 4.04 -24.98 10.91
CA VAL B 102 4.14 -24.41 9.56
C VAL B 102 3.13 -23.28 9.32
N ALA B 103 2.86 -22.94 8.05
CA ALA B 103 1.90 -21.87 7.69
C ALA B 103 1.26 -21.92 6.27
N TYR B 104 2.08 -21.70 5.22
CA TYR B 104 1.67 -21.79 3.80
C TYR B 104 0.29 -21.16 3.49
N TRP B 105 0.23 -19.82 3.45
CA TRP B 105 -1.06 -19.09 3.43
C TRP B 105 -1.80 -19.14 2.09
N GLY B 106 -2.90 -18.39 2.03
CA GLY B 106 -3.64 -18.18 0.80
C GLY B 106 -3.38 -16.80 0.26
N GLN B 107 -3.66 -16.60 -1.02
CA GLN B 107 -3.34 -15.33 -1.67
C GLN B 107 -4.20 -14.17 -1.17
N GLY B 108 -4.97 -14.40 -0.10
CA GLY B 108 -5.78 -13.37 0.55
C GLY B 108 -6.91 -12.81 -0.30
N THR B 109 -7.81 -12.04 0.30
CA THR B 109 -8.90 -11.43 -0.49
C THR B 109 -9.29 -10.03 -0.02
N LEU B 110 -9.38 -9.10 -0.94
CA LEU B 110 -9.65 -7.75 -0.54
C LEU B 110 -11.13 -7.51 -0.53
N VAL B 111 -11.55 -6.76 0.48
CA VAL B 111 -12.94 -6.41 0.64
C VAL B 111 -13.15 -4.93 0.91
N THR B 112 -14.13 -4.37 0.22
CA THR B 112 -14.30 -2.92 0.16
C THR B 112 -15.68 -2.49 0.62
N VAL B 113 -15.71 -1.75 1.73
CA VAL B 113 -16.95 -1.22 2.26
C VAL B 113 -17.10 0.26 1.89
N SER B 114 -17.93 0.53 0.87
CA SER B 114 -18.18 1.89 0.37
C SER B 114 -19.60 2.05 -0.21
N ALA B 115 -19.95 3.25 -0.68
CA ALA B 115 -21.35 3.55 -1.02
C ALA B 115 -21.75 3.94 -2.46
N ALA B 116 -20.82 4.40 -3.30
CA ALA B 116 -21.19 4.71 -4.69
C ALA B 116 -21.16 3.46 -5.60
N LYS B 117 -21.26 3.64 -6.93
CA LYS B 117 -21.06 2.53 -7.88
C LYS B 117 -20.40 2.96 -9.20
N THR B 118 -19.70 1.99 -9.82
CA THR B 118 -18.96 2.12 -11.11
C THR B 118 -18.87 3.52 -11.74
N THR B 119 -17.97 4.34 -11.23
CA THR B 119 -17.67 5.63 -11.88
C THR B 119 -16.44 5.47 -12.78
N PRO B 120 -16.66 5.60 -14.10
CA PRO B 120 -15.63 6.05 -15.03
C PRO B 120 -14.96 7.34 -14.51
N PRO B 121 -13.66 7.51 -14.82
CA PRO B 121 -12.85 8.53 -14.19
C PRO B 121 -12.80 9.86 -14.92
N SER B 122 -12.49 10.91 -14.16
CA SER B 122 -12.20 12.23 -14.69
C SER B 122 -10.68 12.31 -14.96
N VAL B 123 -10.32 12.43 -16.24
CA VAL B 123 -8.96 12.15 -16.71
C VAL B 123 -8.21 13.38 -17.21
N TYR B 124 -7.50 14.07 -16.32
CA TYR B 124 -6.76 15.28 -16.75
C TYR B 124 -5.25 15.03 -16.89
N PRO B 125 -4.61 15.71 -17.85
CA PRO B 125 -3.17 15.60 -18.04
C PRO B 125 -2.39 16.73 -17.40
N LEU B 126 -1.07 16.62 -17.40
CA LEU B 126 -0.19 17.48 -16.60
C LEU B 126 1.05 18.01 -17.35
N ALA B 127 1.06 19.31 -17.67
CA ALA B 127 2.23 19.97 -18.27
C ALA B 127 2.73 21.18 -17.46
N PRO B 128 4.06 21.39 -17.40
CA PRO B 128 4.68 22.44 -16.58
C PRO B 128 4.42 23.90 -17.04
N GLY B 129 4.77 24.86 -16.18
CA GLY B 129 4.70 26.31 -16.49
C GLY B 129 5.77 26.73 -17.48
N SER B 130 5.78 26.03 -18.62
CA SER B 130 6.82 26.08 -19.68
C SER B 130 8.27 26.17 -19.19
N ALA B 131 8.87 24.99 -18.94
CA ALA B 131 10.21 24.87 -18.35
C ALA B 131 10.36 25.71 -17.06
N ALA B 132 9.25 25.89 -16.34
CA ALA B 132 9.26 26.54 -15.01
C ALA B 132 10.07 25.64 -14.07
N GLN B 133 9.95 24.33 -14.28
CA GLN B 133 10.88 23.36 -13.71
C GLN B 133 12.10 23.35 -14.61
N THR B 134 13.10 24.11 -14.21
CA THR B 134 14.35 24.18 -14.97
C THR B 134 15.13 22.87 -14.80
N ASN B 135 15.13 22.09 -15.88
CA ASN B 135 15.79 20.81 -15.99
C ASN B 135 16.06 20.57 -17.47
N SER B 136 17.06 19.74 -17.77
CA SER B 136 17.36 19.27 -19.14
C SER B 136 16.36 18.19 -19.61
N MET B 137 15.59 17.67 -18.64
CA MET B 137 14.59 16.63 -18.83
C MET B 137 13.35 17.00 -18.00
N VAL B 138 12.26 17.32 -18.68
CA VAL B 138 11.05 17.87 -18.03
C VAL B 138 10.04 16.75 -17.68
N THR B 139 9.27 16.94 -16.60
CA THR B 139 8.38 15.90 -16.03
C THR B 139 6.93 16.05 -16.45
N LEU B 140 6.18 14.95 -16.39
CA LEU B 140 4.88 14.86 -17.02
C LEU B 140 3.92 13.87 -16.33
N GLY B 141 2.61 14.15 -16.37
CA GLY B 141 1.60 13.33 -15.65
C GLY B 141 0.15 13.23 -16.13
N CYS B 142 -0.48 12.10 -15.83
CA CYS B 142 -1.89 11.91 -16.08
C CYS B 142 -2.55 11.80 -14.73
N LEU B 143 -3.55 12.66 -14.50
CA LEU B 143 -4.33 12.62 -13.26
C LEU B 143 -5.65 11.87 -13.46
N VAL B 144 -5.99 11.00 -12.52
CA VAL B 144 -7.17 10.18 -12.66
C VAL B 144 -8.04 10.35 -11.42
N LYS B 145 -8.77 11.46 -11.40
CA LYS B 145 -9.66 11.78 -10.28
C LYS B 145 -11.09 11.34 -10.56
N GLY B 146 -11.95 11.42 -9.54
CA GLY B 146 -13.36 11.07 -9.67
C GLY B 146 -13.65 9.64 -10.13
N TYR B 147 -13.21 8.66 -9.34
CA TYR B 147 -13.57 7.26 -9.57
C TYR B 147 -13.64 6.43 -8.29
N PHE B 148 -14.23 5.25 -8.41
CA PHE B 148 -14.64 4.42 -7.26
C PHE B 148 -14.46 2.89 -7.40
N PRO B 149 -14.66 2.34 -8.61
CA PRO B 149 -14.37 0.92 -8.73
C PRO B 149 -12.92 0.70 -9.16
N GLU B 150 -12.08 0.24 -8.23
CA GLU B 150 -10.72 -0.12 -8.56
C GLU B 150 -10.82 -1.21 -9.64
N PRO B 151 -9.69 -1.58 -10.25
CA PRO B 151 -8.44 -0.86 -10.15
C PRO B 151 -8.31 -0.03 -11.39
N VAL B 152 -7.51 1.03 -11.34
CA VAL B 152 -7.30 1.77 -12.55
C VAL B 152 -5.91 1.51 -13.14
N THR B 153 -5.84 1.42 -14.45
CA THR B 153 -4.55 1.18 -15.08
C THR B 153 -4.15 2.32 -16.02
N VAL B 154 -2.86 2.64 -16.01
CA VAL B 154 -2.28 3.72 -16.82
C VAL B 154 -1.15 3.17 -17.68
N THR B 155 -1.12 3.59 -18.94
CA THR B 155 0.08 3.38 -19.75
C THR B 155 0.29 4.61 -20.59
N TRP B 156 1.54 4.98 -20.77
CA TRP B 156 1.87 6.24 -21.37
C TRP B 156 2.16 6.10 -22.83
N ASN B 157 1.23 6.58 -23.65
CA ASN B 157 1.34 6.40 -25.07
C ASN B 157 1.36 4.89 -25.24
N SER B 158 0.48 4.24 -24.48
CA SER B 158 0.48 2.79 -24.23
C SER B 158 1.69 2.31 -23.39
N GLY B 159 1.87 1.00 -23.30
CA GLY B 159 3.07 0.42 -22.69
C GLY B 159 4.25 0.65 -23.62
N SER B 160 4.40 1.89 -24.06
CA SER B 160 5.55 2.28 -24.83
C SER B 160 6.69 2.67 -23.90
N LEU B 161 6.35 3.21 -22.73
CA LEU B 161 7.32 3.87 -21.84
C LEU B 161 8.03 3.03 -20.79
N SER B 162 9.36 3.18 -20.76
CA SER B 162 10.24 2.25 -20.06
C SER B 162 10.48 2.61 -18.58
N SER B 163 11.08 3.76 -18.34
CA SER B 163 11.52 4.09 -17.00
C SER B 163 11.11 5.51 -16.64
N GLY B 164 11.41 5.91 -15.40
CA GLY B 164 11.03 7.22 -14.88
C GLY B 164 9.52 7.34 -14.98
N VAL B 165 8.88 6.20 -14.89
CA VAL B 165 7.45 6.10 -15.06
C VAL B 165 6.89 5.74 -13.70
N HIS B 166 6.96 6.68 -12.77
CA HIS B 166 6.54 6.36 -11.41
C HIS B 166 5.04 6.57 -11.25
N THR B 167 4.34 5.48 -10.89
CA THR B 167 2.88 5.45 -10.76
C THR B 167 2.47 5.29 -9.32
N PHE B 168 1.47 6.06 -8.93
CA PHE B 168 1.14 6.17 -7.54
C PHE B 168 -0.03 5.32 -7.12
N PRO B 169 -0.14 5.03 -5.82
CA PRO B 169 -1.23 4.23 -5.33
C PRO B 169 -2.47 5.06 -5.13
N ALA B 170 -3.62 4.40 -5.27
CA ALA B 170 -4.91 5.04 -5.14
C ALA B 170 -5.05 5.68 -3.78
N VAL B 171 -5.56 6.90 -3.74
CA VAL B 171 -5.94 7.53 -2.49
C VAL B 171 -7.47 7.71 -2.45
N LEU B 172 -8.16 6.68 -1.95
CA LEU B 172 -9.61 6.76 -1.80
C LEU B 172 -9.97 7.80 -0.75
N GLN B 173 -11.05 8.52 -1.04
CA GLN B 173 -11.57 9.56 -0.20
C GLN B 173 -12.92 10.04 -0.79
N SER B 174 -13.85 10.40 0.09
CA SER B 174 -15.23 10.78 -0.25
C SER B 174 -15.93 9.62 -0.94
N ASP B 175 -15.58 8.42 -0.51
CA ASP B 175 -15.98 7.21 -1.19
C ASP B 175 -15.59 7.27 -2.68
N LEU B 176 -14.46 7.93 -3.00
CA LEU B 176 -13.95 7.93 -4.38
C LEU B 176 -12.44 7.80 -4.58
N TYR B 177 -12.06 6.68 -5.21
CA TYR B 177 -10.69 6.41 -5.60
C TYR B 177 -10.18 7.50 -6.51
N THR B 178 -8.90 7.80 -6.36
CA THR B 178 -8.20 8.82 -7.13
C THR B 178 -6.71 8.48 -7.06
N LEU B 179 -6.03 8.48 -8.21
CA LEU B 179 -4.59 8.30 -8.23
C LEU B 179 -3.92 8.98 -9.41
N SER B 180 -2.64 9.29 -9.22
CA SER B 180 -1.89 10.17 -10.12
C SER B 180 -0.56 9.54 -10.51
N SER B 181 -0.29 9.47 -11.82
CA SER B 181 0.96 8.90 -12.31
C SER B 181 1.84 9.99 -12.89
N SER B 182 3.11 9.67 -13.10
CA SER B 182 4.04 10.62 -13.70
C SER B 182 5.18 9.94 -14.46
N VAL B 183 5.56 10.57 -15.57
CA VAL B 183 6.70 10.15 -16.38
C VAL B 183 7.66 11.31 -16.44
N THR B 184 8.89 11.01 -16.80
CA THR B 184 9.89 12.05 -17.00
C THR B 184 10.61 11.81 -18.32
N VAL B 185 10.88 12.89 -19.05
CA VAL B 185 11.58 12.81 -20.34
C VAL B 185 12.38 14.06 -20.71
N PRO B 186 13.44 13.89 -21.52
CA PRO B 186 14.36 14.93 -22.01
C PRO B 186 13.69 16.12 -22.66
N SER B 187 14.29 17.29 -22.52
CA SER B 187 13.78 18.45 -23.24
C SER B 187 14.03 18.28 -24.73
N SER B 188 14.42 17.06 -25.11
CA SER B 188 14.48 16.61 -26.49
C SER B 188 13.13 16.05 -26.88
N THR B 189 12.54 15.29 -25.95
CA THR B 189 11.41 14.41 -26.26
C THR B 189 10.06 15.14 -26.44
N TRP B 190 9.25 15.21 -25.38
CA TRP B 190 7.86 15.70 -25.46
C TRP B 190 7.69 17.03 -26.15
N PRO B 191 8.55 18.02 -25.82
CA PRO B 191 8.39 19.32 -26.42
C PRO B 191 7.61 19.21 -27.74
N SER B 192 8.10 18.35 -28.64
CA SER B 192 7.58 18.19 -30.00
C SER B 192 7.41 16.73 -30.38
N GLU B 193 6.84 15.93 -29.48
CA GLU B 193 6.59 14.51 -29.78
C GLU B 193 5.28 13.95 -29.23
N THR B 194 4.78 12.90 -29.90
CA THR B 194 3.52 12.29 -29.53
C THR B 194 3.65 11.55 -28.21
N VAL B 195 2.98 12.08 -27.18
CA VAL B 195 2.87 11.46 -25.85
C VAL B 195 1.43 11.40 -25.39
N THR B 196 0.76 10.32 -25.74
CA THR B 196 -0.55 10.07 -25.19
C THR B 196 -0.34 9.38 -23.86
N CYS B 197 -1.39 9.23 -23.08
CA CYS B 197 -1.35 8.31 -21.97
C CYS B 197 -2.61 7.47 -21.98
N ASN B 198 -2.42 6.16 -22.09
CA ASN B 198 -3.53 5.25 -22.22
C ASN B 198 -4.11 4.94 -20.84
N VAL B 199 -4.79 5.91 -20.27
CA VAL B 199 -5.57 5.72 -19.06
C VAL B 199 -6.69 4.76 -19.40
N ALA B 200 -6.99 3.86 -18.45
CA ALA B 200 -7.92 2.74 -18.68
C ALA B 200 -8.67 2.23 -17.43
N HIS B 201 -9.75 1.49 -17.70
CA HIS B 201 -10.71 1.04 -16.69
C HIS B 201 -11.37 -0.27 -17.14
N PRO B 202 -11.35 -1.31 -16.28
CA PRO B 202 -12.06 -2.54 -16.56
C PRO B 202 -13.42 -2.60 -15.85
N ALA B 203 -13.85 -1.48 -15.31
CA ALA B 203 -15.23 -1.34 -14.87
C ALA B 203 -15.97 -0.69 -16.02
N SER B 204 -15.79 0.62 -16.18
CA SER B 204 -16.38 1.38 -17.29
C SER B 204 -15.96 0.91 -18.71
N SER B 205 -14.80 0.25 -18.80
CA SER B 205 -14.26 -0.28 -20.05
C SER B 205 -13.75 0.80 -21.02
N THR B 206 -13.42 1.98 -20.48
CA THR B 206 -12.94 3.08 -21.32
C THR B 206 -11.46 2.96 -21.55
N LYS B 207 -11.03 3.11 -22.78
CA LYS B 207 -9.63 3.42 -23.00
C LYS B 207 -9.58 4.90 -23.35
N VAL B 208 -9.54 5.73 -22.30
CA VAL B 208 -9.60 7.17 -22.45
C VAL B 208 -8.27 7.73 -22.98
N ASP B 209 -7.67 7.02 -23.93
CA ASP B 209 -6.37 7.36 -24.52
C ASP B 209 -6.28 8.84 -24.88
N LYS B 210 -5.60 9.61 -24.01
CA LYS B 210 -5.70 11.07 -23.94
C LYS B 210 -4.32 11.76 -24.01
N LYS B 211 -4.04 12.42 -25.16
CA LYS B 211 -2.71 12.98 -25.49
C LYS B 211 -2.34 14.23 -24.70
N ILE B 212 -1.09 14.67 -24.84
CA ILE B 212 -0.52 15.74 -24.00
C ILE B 212 0.46 16.68 -24.71
N VAL B 213 0.19 17.99 -24.61
CA VAL B 213 1.02 19.07 -25.18
C VAL B 213 0.93 20.26 -24.19
N PRO B 214 1.83 21.27 -24.29
CA PRO B 214 1.79 22.38 -23.32
C PRO B 214 0.64 23.38 -23.56
N ARG B 215 0.90 24.67 -23.35
CA ARG B 215 0.02 25.80 -23.76
C ARG B 215 -1.29 25.94 -22.98
N ASP B 216 -1.57 24.95 -22.11
CA ASP B 216 -2.84 24.82 -21.35
C ASP B 216 -4.11 24.74 -22.23
#